data_7LXW
#
_entry.id   7LXW
#
loop_
_entity.id
_entity.type
_entity.pdbx_description
1 polymer 'S2X333 Fab Light Chain variable region'
2 polymer 'S2X333 Fab Heavy Chain variable region'
3 polymer 'Spike glycoprotein'
4 branched 2-acetamido-2-deoxy-beta-D-glucopyranose-(1-4)-[alpha-L-fucopyranose-(1-6)]2-acetamido-2-deoxy-beta-D-glucopyranose
5 branched alpha-L-fucopyranose-(1-6)-2-acetamido-2-deoxy-beta-D-glucopyranose
#
loop_
_entity_poly.entity_id
_entity_poly.type
_entity_poly.pdbx_seq_one_letter_code
_entity_poly.pdbx_strand_id
1 'polypeptide(L)'
;YELTQPPSVSTARITCGGNNIERKSVHWCQQKPGQAPALVVYDDSDRPSGIPERFSGSNSGNTATLTISRVEAGDEADYY
CQVWDSGSDQVIFGGGTKLT
;
L
2 'polypeptide(L)'
;VQLVESGGGVVQPGRSLRLSCAASGFTFSNYGMHWVRQAPGKGLEWVAVIWYDGSNKFYADSVKGRFTISRDNSKNSLYL
QMNSLRAEDTAVYFCARAFPDSSSWSGFTIDYWGQGTLVTV
;
H
3 'polypeptide(L)'
;MFVFLVLLPLVSSQCVNLTTRTQLPPAYTNSFTRGVYYPDKVFRSSVLHSTQDLFLPFFSNVTWFHAIHVSGTNGTKRFD
NPVLPFNDGVYFASTEKSNIIRGWIFGTTLDSKTQSLLIVNNATNVVIKVCEFQFCNDPFLGVYYHKNNKSWMESEFRVY
SSANNCTFEYVSQPFLMDLEGKQGNFKNLREFVFKNIDGYFKIYSKHTPINLVRDLPQGFSALEPLVDLPIGINITRFQT
LLALHRSYLTPGDSSSGWTAGAAAYYVGYLQPRTFLLKYNENGTITDAVDCALDPLSETKCTLKSFTVEKGIYQTSNFRV
QPTESIVRFPNITNLCPFGEVFNATRFASVYAWNRKRISNCVADYSVLYNSASFSTFKCYGVSPTKLNDLCFTNVYADSF
VIRGDEVRQIAPGQTGKIADYNYKLPDDFTGCVIAWNSNNLDSKVGGNYNYLYRLFRKSNLKPFERDISTEIYQAGSTPC
NGVEGFNCYFPLQSYGFQPTNGVGYQPYRVVVLSFELLHAPATVCGPKKSTNLVKNKCVNFNFNGLTGTGVLTESNKKFL
PFQQFGRDIADTTDAVRDPQTLEILDITPCSFGGVSVITPGTNTSNQVAVLYQDVNCTEVPVAIHADQLTPTWRVYSTGS
NVFQTRAGCLIGAEHVNNSYECDIPIGAGICASYQTQTNSPGSASSVASQSIIAYTMSLGAENSVAYSNNSIAIPTNFTI
SVTTEILPVSMTKTSVDCTMYICGDSTECSNLLLQYGSFCTQLNRALTGIAVEQDKNTQEVFAQVKQIYKTPPIKDFGGF
NFSQILPDPSKPSKRSPIEDLLFNKVTLADAGFIKQYGDCLGDIAARDLICAQKFNGLTVLPPLLTDEMIAQYTSALLAG
TITSGWTFGAGPALQIPFPMQMAYRFNGIGVTQNVLYENQKLIANQFNSAIGKIQDSLSSTPSALGKLQDVVNQNAQALN
TLVKQLSSNFGAISSVLNDILSRLDPPEAEVQIDRLITGRLQSLQTYVTQQLIRAAEIRASANLAATKMSECVLGQSKRV
DFCGKGYHLMSFPQSAPHGVVFLHVTYVPAQEKNFTTAPAICHDGKAHFPREGVFVSNGTHWFVTQRNFYEPQIITTDNT
FVSGNCDVVIGIVNNTVYDPLQPELDSFKEELDKYFKNHTSPDVDLGDISGINASVVNIQKEIDRLNEVAKNLNESLIDL
QELGKYEQGSGYIPEAPRDGQAYVRKDGEWVLLSTFLGRSLEVLFQGPGHHHHHHHHSAWSHPQFEKGGGSGGGGSGGSA
WSHPQFEK
;
A
#
loop_
_chem_comp.id
_chem_comp.type
_chem_comp.name
_chem_comp.formula
FUC L-saccharide, alpha linking alpha-L-fucopyranose 'C6 H12 O5'
NAG D-saccharide, beta linking 2-acetamido-2-deoxy-beta-D-glucopyranose 'C8 H15 N O6'
#
# COMPACT_ATOMS: atom_id res chain seq x y z
N TYR A 1 -8.66 9.75 2.27
CA TYR A 1 -9.68 8.71 2.15
C TYR A 1 -9.79 7.90 3.44
N GLU A 2 -11.03 7.59 3.84
CA GLU A 2 -11.30 6.83 5.07
C GLU A 2 -12.41 5.81 4.84
N LEU A 3 -12.41 4.76 5.66
CA LEU A 3 -13.48 3.78 5.63
C LEU A 3 -14.35 3.91 6.87
N THR A 4 -15.62 3.58 6.74
CA THR A 4 -16.52 3.61 7.88
C THR A 4 -17.24 2.27 8.08
N GLN A 5 -17.08 1.69 9.26
CA GLN A 5 -17.73 0.43 9.59
C GLN A 5 -18.10 0.41 11.07
N PRO A 6 -19.19 -0.26 11.44
CA PRO A 6 -19.76 -0.32 12.79
C PRO A 6 -18.82 -1.01 13.77
N PRO A 7 -18.80 -0.59 15.03
CA PRO A 7 -18.06 -1.16 16.14
C PRO A 7 -18.25 -2.66 16.31
N SER A 8 -19.47 -3.15 16.08
CA SER A 8 -19.72 -4.59 16.26
C SER A 8 -20.95 -5.09 15.52
N VAL A 9 -20.96 -6.39 15.26
CA VAL A 9 -22.09 -7.10 14.68
C VAL A 9 -22.35 -8.41 15.46
N SER A 10 -23.62 -8.68 15.79
CA SER A 10 -24.01 -9.91 16.51
C SER A 10 -23.71 -11.15 15.68
N THR A 11 -26.35 -15.48 9.55
CA THR A 11 -25.28 -14.92 8.74
C THR A 11 -24.91 -13.54 9.25
N ALA A 12 -23.62 -13.33 9.55
CA ALA A 12 -23.11 -12.02 9.98
C ALA A 12 -22.67 -11.23 8.77
N ARG A 13 -23.00 -9.95 8.74
CA ARG A 13 -22.60 -9.11 7.63
C ARG A 13 -21.94 -7.84 8.14
N ILE A 14 -20.69 -7.64 7.72
CA ILE A 14 -19.92 -6.49 8.13
C ILE A 14 -19.80 -5.51 6.98
N THR A 15 -20.35 -4.32 7.18
CA THR A 15 -20.36 -3.32 6.11
C THR A 15 -19.16 -2.39 6.22
N CYS A 16 -18.69 -1.91 5.07
CA CYS A 16 -17.58 -0.97 4.97
C CYS A 16 -17.88 0.11 3.94
N GLY A 17 -18.19 1.30 4.43
CA GLY A 17 -18.59 2.40 3.56
C GLY A 17 -17.39 3.21 3.08
N GLY A 18 -17.58 3.94 1.98
CA GLY A 18 -16.56 4.82 1.45
C GLY A 18 -17.10 5.61 0.27
N ASN A 19 -16.27 6.48 -0.29
CA ASN A 19 -16.72 7.31 -1.41
C ASN A 19 -16.51 6.60 -2.73
N ASN A 20 -17.60 6.11 -3.31
CA ASN A 20 -17.53 5.31 -4.53
C ASN A 20 -16.53 4.19 -4.37
N ILE A 21 -16.66 3.47 -3.26
CA ILE A 21 -15.75 2.39 -2.90
C ILE A 21 -15.71 1.30 -3.96
N GLU A 22 -16.74 1.26 -4.82
CA GLU A 22 -16.79 0.29 -5.90
C GLU A 22 -15.53 0.32 -6.76
N ARG A 23 -14.95 1.51 -6.94
CA ARG A 23 -13.77 1.65 -7.78
C ARG A 23 -12.49 1.18 -7.12
N LYS A 24 -12.55 0.89 -5.82
CA LYS A 24 -11.38 0.43 -5.09
C LYS A 24 -11.54 -1.02 -4.67
N SER A 25 -10.43 -1.75 -4.63
CA SER A 25 -10.47 -3.11 -4.14
C SER A 25 -10.51 -3.14 -2.63
N VAL A 26 -11.44 -3.91 -2.08
CA VAL A 26 -11.54 -4.03 -0.63
C VAL A 26 -11.00 -5.36 -0.14
N HIS A 27 -10.17 -5.30 0.88
CA HIS A 27 -9.57 -6.49 1.46
C HIS A 27 -9.96 -6.58 2.93
N TRP A 28 -10.04 -7.80 3.44
CA TRP A 28 -10.43 -7.99 4.83
C TRP A 28 -9.45 -8.86 5.57
N CYS A 29 -9.14 -8.48 6.81
CA CYS A 29 -8.29 -9.32 7.67
C CYS A 29 -8.93 -9.53 9.03
N GLN A 30 -8.70 -10.69 9.59
CA GLN A 30 -9.29 -11.10 10.86
C GLN A 30 -8.27 -11.14 11.98
N GLN A 31 -8.52 -10.39 13.04
CA GLN A 31 -7.63 -10.39 14.19
C GLN A 31 -8.30 -10.94 15.43
N LYS A 32 -7.81 -12.08 15.92
CA LYS A 32 -8.33 -12.65 17.15
C LYS A 32 -7.55 -12.06 18.33
N PRO A 33 -8.17 -11.93 19.50
CA PRO A 33 -7.56 -11.43 20.71
C PRO A 33 -6.26 -12.13 21.01
N GLY A 34 -5.19 -11.36 21.20
CA GLY A 34 -3.87 -11.90 21.52
C GLY A 34 -3.14 -12.43 20.28
N GLN A 35 -3.72 -12.24 19.10
CA GLN A 35 -3.12 -12.77 17.88
C GLN A 35 -2.96 -11.70 16.80
N ALA A 36 -2.05 -11.95 15.87
CA ALA A 36 -1.87 -11.08 14.72
C ALA A 36 -3.05 -11.26 13.76
N PRO A 37 -3.37 -10.24 12.94
CA PRO A 37 -4.34 -10.29 11.87
C PRO A 37 -3.95 -11.31 10.81
N ALA A 38 -4.93 -11.83 10.10
CA ALA A 38 -4.68 -12.71 8.97
C ALA A 38 -5.62 -12.38 7.82
N LEU A 39 -5.13 -12.48 6.59
CA LEU A 39 -5.96 -12.18 5.43
C LEU A 39 -7.07 -13.21 5.26
N VAL A 40 -8.30 -12.72 5.10
CA VAL A 40 -9.44 -13.61 4.92
C VAL A 40 -10.00 -13.47 3.51
N VAL A 41 -10.17 -12.23 3.06
CA VAL A 41 -10.66 -11.93 1.72
C VAL A 41 -9.80 -10.86 1.07
N TYR A 42 -9.55 -11.00 -0.22
CA TYR A 42 -8.81 -10.00 -0.96
C TYR A 42 -9.45 -9.76 -2.32
N ASP A 43 -9.18 -8.60 -2.90
CA ASP A 43 -9.76 -8.29 -4.19
C ASP A 43 -11.27 -8.51 -4.18
N ASP A 44 -11.93 -7.96 -3.15
CA ASP A 44 -13.37 -7.99 -2.97
C ASP A 44 -13.93 -9.35 -2.50
N SER A 45 -13.68 -10.40 -3.26
CA SER A 45 -14.32 -11.68 -2.95
C SER A 45 -13.42 -12.90 -3.04
N ASP A 46 -12.13 -12.73 -3.34
CA ASP A 46 -11.25 -13.88 -3.45
C ASP A 46 -10.75 -14.32 -2.09
N ARG A 47 -10.53 -15.62 -1.92
CA ARG A 47 -9.99 -16.13 -0.67
C ARG A 47 -8.61 -16.74 -0.89
N PRO A 48 -7.70 -16.58 0.08
CA PRO A 48 -6.43 -17.26 0.17
C PRO A 48 -6.66 -18.68 0.65
N SER A 49 -5.74 -19.57 0.36
CA SER A 49 -5.87 -20.95 0.81
C SER A 49 -5.97 -21.01 2.33
N GLY A 50 -6.84 -21.87 2.82
CA GLY A 50 -7.02 -22.06 4.26
C GLY A 50 -8.27 -21.39 4.80
N ILE A 51 -8.86 -20.49 4.01
CA ILE A 51 -10.07 -19.79 4.44
C ILE A 51 -11.32 -20.54 3.95
N PRO A 52 -12.22 -20.93 4.87
CA PRO A 52 -13.47 -21.63 4.63
C PRO A 52 -14.36 -20.88 3.64
N GLU A 53 -15.12 -21.65 2.87
CA GLU A 53 -16.04 -21.12 1.87
C GLU A 53 -17.15 -20.27 2.49
N ARG A 54 -17.23 -20.29 3.82
CA ARG A 54 -18.20 -19.53 4.57
C ARG A 54 -17.96 -18.03 4.40
N PHE A 55 -16.73 -17.67 4.04
CA PHE A 55 -16.34 -16.28 3.91
C PHE A 55 -16.48 -15.81 2.47
N SER A 56 -17.37 -14.85 2.26
CA SER A 56 -17.61 -14.29 0.95
C SER A 56 -17.80 -12.79 1.09
N GLY A 57 -17.99 -12.10 -0.02
CA GLY A 57 -18.17 -10.66 0.06
C GLY A 57 -18.54 -10.05 -1.27
N SER A 58 -18.77 -8.75 -1.25
CA SER A 58 -19.15 -8.00 -2.43
C SER A 58 -18.72 -6.55 -2.30
N ASN A 59 -18.74 -5.84 -3.41
CA ASN A 59 -18.35 -4.44 -3.43
C ASN A 59 -19.15 -3.68 -4.49
N SER A 60 -20.01 -2.78 -4.05
CA SER A 60 -20.88 -2.05 -4.97
C SER A 60 -21.24 -0.67 -4.45
N GLY A 61 -21.28 0.30 -5.36
CA GLY A 61 -21.70 1.65 -5.01
C GLY A 61 -20.78 2.28 -3.96
N ASN A 62 -21.38 2.68 -2.85
CA ASN A 62 -20.66 3.32 -1.77
C ASN A 62 -20.47 2.41 -0.57
N THR A 63 -20.60 1.09 -0.77
CA THR A 63 -20.43 0.16 0.33
C THR A 63 -19.87 -1.20 -0.11
N ALA A 64 -19.09 -1.79 0.78
CA ALA A 64 -18.59 -3.15 0.59
C ALA A 64 -19.01 -4.01 1.78
N THR A 65 -19.16 -5.30 1.56
CA THR A 65 -19.60 -6.18 2.65
C THR A 65 -18.80 -7.46 2.75
N LEU A 66 -18.46 -7.83 3.98
CA LEU A 66 -17.93 -9.15 4.28
C LEU A 66 -19.02 -10.01 4.87
N THR A 67 -19.35 -11.09 4.18
CA THR A 67 -20.45 -11.95 4.61
C THR A 67 -19.92 -13.26 5.15
N ILE A 68 -20.28 -13.58 6.38
CA ILE A 68 -19.83 -14.82 6.99
C ILE A 68 -21.01 -15.71 7.33
N SER A 69 -21.20 -16.75 6.53
CA SER A 69 -22.33 -17.64 6.73
C SER A 69 -22.00 -18.64 7.81
N ARG A 70 -23.03 -19.27 8.37
CA ARG A 70 -22.82 -20.31 9.37
C ARG A 70 -21.78 -19.88 10.38
N VAL A 71 -22.03 -18.73 11.01
CA VAL A 71 -21.07 -18.12 11.93
C VAL A 71 -20.81 -19.02 13.14
N GLU A 72 -19.53 -19.20 13.45
CA GLU A 72 -19.12 -20.04 14.57
C GLU A 72 -18.58 -19.18 15.70
N ALA A 73 -18.50 -19.77 16.90
CA ALA A 73 -17.91 -19.06 18.05
C ALA A 73 -16.44 -18.77 17.79
N GLY A 74 -15.83 -19.53 16.90
CA GLY A 74 -14.41 -19.37 16.58
C GLY A 74 -14.17 -18.16 15.70
N ASP A 75 -15.25 -17.49 15.29
CA ASP A 75 -15.15 -16.32 14.44
C ASP A 75 -15.20 -15.03 15.24
N GLU A 76 -15.24 -15.14 16.56
CA GLU A 76 -15.33 -13.95 17.38
C GLU A 76 -14.03 -13.17 17.35
N ALA A 77 -13.92 -12.30 16.36
CA ALA A 77 -12.70 -11.58 16.07
C ALA A 77 -12.99 -10.19 15.51
N ASP A 78 -11.96 -9.35 15.49
CA ASP A 78 -12.08 -8.02 14.92
C ASP A 78 -11.74 -8.04 13.43
N TYR A 79 -12.72 -7.74 12.60
CA TYR A 79 -12.52 -7.77 11.16
C TYR A 79 -12.29 -6.37 10.63
N TYR A 80 -11.18 -6.17 9.93
CA TYR A 80 -10.84 -4.85 9.43
C TYR A 80 -11.02 -4.75 7.92
N CYS A 81 -11.56 -3.63 7.48
CA CYS A 81 -11.71 -3.29 6.07
C CYS A 81 -10.55 -2.40 5.63
N GLN A 82 -9.87 -2.76 4.54
CA GLN A 82 -8.79 -1.92 4.05
C GLN A 82 -8.77 -1.78 2.54
N VAL A 83 -8.30 -0.63 2.07
CA VAL A 83 -8.10 -0.40 0.63
C VAL A 83 -6.74 0.25 0.39
N TRP A 84 -6.28 0.22 -0.86
CA TRP A 84 -5.11 1.01 -1.23
C TRP A 84 -5.54 2.33 -1.86
N ASP A 85 -5.09 3.42 -1.28
CA ASP A 85 -5.39 4.74 -1.83
C ASP A 85 -4.30 5.19 -2.78
N SER A 86 -4.56 5.06 -4.07
CA SER A 86 -3.56 5.39 -5.09
C SER A 86 -3.34 6.88 -5.18
N GLY A 87 -4.21 7.66 -4.54
CA GLY A 87 -4.09 9.11 -4.56
C GLY A 87 -3.00 9.59 -3.61
N SER A 88 -2.69 8.80 -2.59
CA SER A 88 -1.69 9.18 -1.61
C SER A 88 -0.72 8.04 -1.31
N ASP A 89 -0.91 6.92 -1.98
CA ASP A 89 -0.09 5.73 -1.77
C ASP A 89 -0.08 5.27 -0.33
N GLN A 90 -1.26 5.19 0.27
CA GLN A 90 -1.39 4.73 1.64
C GLN A 90 -2.38 3.58 1.75
N VAL A 91 -2.16 2.70 2.73
CA VAL A 91 -3.16 1.70 3.06
C VAL A 91 -4.12 2.30 4.07
N ILE A 92 -5.39 2.29 3.74
CA ILE A 92 -6.39 2.89 4.59
C ILE A 92 -7.19 1.82 5.31
N PHE A 93 -7.18 1.88 6.64
CA PHE A 93 -7.92 0.91 7.45
C PHE A 93 -9.17 1.53 8.05
N GLY A 94 -10.21 0.73 8.20
CA GLY A 94 -11.40 1.15 8.92
C GLY A 94 -11.21 0.93 10.42
N GLY A 95 -12.21 1.29 11.21
CA GLY A 95 -12.12 1.16 12.66
C GLY A 95 -11.99 -0.29 13.11
N GLY A 96 -12.66 -1.20 12.40
CA GLY A 96 -12.66 -2.61 12.76
C GLY A 96 -13.98 -3.01 13.41
N THR A 97 -14.56 -4.11 12.94
CA THR A 97 -15.85 -4.57 13.46
C THR A 97 -15.70 -5.86 14.25
N LYS A 98 -16.14 -5.85 15.51
CA LYS A 98 -16.05 -7.03 16.35
C LYS A 98 -17.28 -7.91 16.23
N LEU A 99 -17.09 -9.22 16.07
CA LEU A 99 -18.23 -10.12 16.08
C LEU A 99 -18.49 -10.71 17.45
N THR A 100 -19.76 -10.89 17.74
CA THR A 100 -20.22 -11.57 18.95
C THR A 100 -21.36 -12.53 18.60
N VAL B 1 6.07 -19.79 5.63
CA VAL B 1 6.14 -18.33 5.65
C VAL B 1 5.96 -17.83 7.08
N GLN B 2 7.02 -17.26 7.66
CA GLN B 2 6.98 -16.69 9.01
C GLN B 2 7.74 -15.38 9.07
N LEU B 3 7.28 -14.50 9.96
CA LEU B 3 7.92 -13.20 10.18
C LEU B 3 8.08 -12.95 11.67
N VAL B 4 9.30 -12.61 12.08
CA VAL B 4 9.57 -12.40 13.50
C VAL B 4 10.12 -11.01 13.80
N GLU B 5 9.34 -10.22 14.55
CA GLU B 5 9.74 -8.88 14.94
C GLU B 5 10.61 -8.90 16.19
N SER B 6 11.51 -7.93 16.29
CA SER B 6 12.30 -7.73 17.49
C SER B 6 12.76 -6.27 17.58
N GLY B 7 13.32 -5.89 18.72
CA GLY B 7 13.83 -4.53 18.88
C GLY B 7 12.84 -3.60 19.58
N GLY B 8 11.80 -4.16 20.17
CA GLY B 8 10.81 -3.35 20.87
C GLY B 8 11.36 -2.96 22.23
N GLY B 9 10.51 -2.38 23.08
CA GLY B 9 10.98 -1.92 24.38
C GLY B 9 10.33 -0.61 24.81
N VAL B 10 10.92 0.03 25.82
CA VAL B 10 10.36 1.26 26.38
C VAL B 10 11.35 2.41 26.23
N VAL B 11 10.89 3.50 25.63
CA VAL B 11 11.70 4.68 25.43
C VAL B 11 10.99 5.93 25.90
N GLN B 12 11.72 7.02 26.06
CA GLN B 12 11.11 8.30 26.37
C GLN B 12 10.90 9.10 25.09
N PRO B 13 9.94 10.03 25.08
CA PRO B 13 9.66 10.94 23.99
C PRO B 13 10.90 11.71 23.58
N GLY B 14 11.12 11.81 22.28
CA GLY B 14 12.23 12.54 21.70
C GLY B 14 13.39 11.63 21.34
N ARG B 15 13.36 10.39 21.83
CA ARG B 15 14.44 9.45 21.56
C ARG B 15 14.03 8.48 20.45
N SER B 16 15.03 7.82 19.86
CA SER B 16 14.79 6.92 18.73
C SER B 16 14.83 5.45 19.10
N LEU B 17 14.29 4.62 18.21
CA LEU B 17 14.32 3.17 18.37
C LEU B 17 14.32 2.48 17.01
N ARG B 18 15.19 1.49 16.82
CA ARG B 18 15.19 0.72 15.59
C ARG B 18 14.55 -0.64 15.78
N LEU B 19 13.57 -0.95 14.93
CA LEU B 19 12.94 -2.26 14.94
C LEU B 19 13.46 -3.07 13.76
N SER B 20 13.40 -4.38 13.90
CA SER B 20 13.78 -5.25 12.80
C SER B 20 12.85 -6.46 12.72
N CYS B 21 12.78 -7.07 11.54
CA CYS B 21 11.96 -8.24 11.28
C CYS B 21 12.72 -9.25 10.44
N ALA B 22 12.81 -10.49 10.93
CA ALA B 22 13.48 -11.56 10.20
C ALA B 22 12.47 -12.36 9.39
N ALA B 23 12.75 -12.53 8.11
CA ALA B 23 11.83 -13.25 7.24
C ALA B 23 12.41 -14.58 6.81
N SER B 24 11.56 -15.60 6.79
CA SER B 24 11.96 -16.91 6.30
C SER B 24 10.78 -17.71 5.78
N GLY B 25 11.06 -18.74 5.00
CA GLY B 25 10.01 -19.61 4.45
C GLY B 25 9.63 -19.20 3.04
N PHE B 26 10.19 -18.09 2.57
CA PHE B 26 9.93 -17.59 1.23
C PHE B 26 11.10 -16.76 0.75
N THR B 27 11.11 -16.43 -0.53
CA THR B 27 12.18 -15.59 -1.06
C THR B 27 11.89 -14.13 -0.75
N PHE B 28 12.59 -13.62 0.25
CA PHE B 28 12.35 -12.27 0.77
C PHE B 28 12.45 -11.24 -0.32
N SER B 29 13.47 -11.37 -1.16
CA SER B 29 13.77 -10.41 -2.21
C SER B 29 12.71 -10.33 -3.31
N ASN B 30 11.72 -11.22 -3.28
CA ASN B 30 10.68 -11.19 -4.31
C ASN B 30 9.39 -10.52 -3.85
N TYR B 31 9.36 -10.06 -2.60
CA TYR B 31 8.13 -9.48 -2.06
C TYR B 31 8.37 -8.11 -1.43
N GLY B 32 7.37 -7.24 -1.51
CA GLY B 32 7.40 -6.00 -0.77
C GLY B 32 7.00 -6.27 0.67
N MET B 33 7.26 -5.32 1.55
CA MET B 33 6.96 -5.51 2.96
C MET B 33 6.29 -4.29 3.57
N HIS B 34 5.43 -4.53 4.56
CA HIS B 34 4.72 -3.48 5.26
C HIS B 34 5.09 -3.41 6.73
N TRP B 35 4.95 -2.23 7.31
CA TRP B 35 4.88 -2.08 8.75
C TRP B 35 3.52 -1.51 9.11
N VAL B 36 2.90 -2.10 10.12
CA VAL B 36 1.60 -1.65 10.62
C VAL B 36 1.65 -1.57 12.13
N ARG B 37 1.00 -0.58 12.72
CA ARG B 37 1.03 -0.48 14.17
C ARG B 37 -0.37 -0.46 14.75
N GLN B 38 -0.52 -1.01 15.94
CA GLN B 38 -1.81 -1.02 16.61
C GLN B 38 -1.72 -0.53 18.05
N ALA B 39 -2.21 0.68 18.29
CA ALA B 39 -2.22 1.21 19.65
C ALA B 39 -3.23 0.41 20.47
N PRO B 40 -2.98 0.19 21.77
CA PRO B 40 -3.87 -0.49 22.67
C PRO B 40 -5.28 0.09 22.63
N GLY B 41 -6.26 -0.78 22.41
CA GLY B 41 -7.66 -0.37 22.37
C GLY B 41 -8.07 0.22 21.02
N LYS B 42 -7.13 0.27 20.08
CA LYS B 42 -7.40 0.89 18.78
C LYS B 42 -7.32 -0.14 17.65
N GLY B 43 -7.72 0.29 16.46
CA GLY B 43 -7.66 -0.55 15.28
C GLY B 43 -6.28 -0.49 14.64
N LEU B 44 -6.15 -1.06 13.46
CA LEU B 44 -4.87 -1.11 12.77
C LEU B 44 -4.58 0.20 12.06
N GLU B 45 -3.37 0.70 12.20
CA GLU B 45 -2.93 1.89 11.48
C GLU B 45 -1.67 1.60 10.68
N TRP B 46 -1.72 1.86 9.39
CA TRP B 46 -0.60 1.58 8.50
C TRP B 46 0.55 2.54 8.72
N VAL B 47 1.78 2.03 8.65
CA VAL B 47 2.95 2.87 8.85
C VAL B 47 3.73 3.09 7.55
N ALA B 48 4.16 2.02 6.89
CA ALA B 48 4.98 2.18 5.69
C ALA B 48 5.02 0.91 4.84
N VAL B 49 5.32 1.07 3.55
CA VAL B 49 5.58 -0.07 2.67
C VAL B 49 6.84 0.16 1.87
N ILE B 50 7.59 -0.92 1.66
CA ILE B 50 8.79 -0.86 0.84
C ILE B 50 8.73 -1.90 -0.26
N TRP B 51 9.15 -1.52 -1.46
CA TRP B 51 9.17 -2.45 -2.58
C TRP B 51 10.27 -3.49 -2.43
N TYR B 52 10.10 -4.61 -3.12
CA TYR B 52 11.03 -5.73 -3.01
C TYR B 52 12.48 -5.38 -3.32
N ASP B 53 12.70 -4.37 -4.16
CA ASP B 53 14.05 -3.99 -4.53
C ASP B 53 14.56 -2.80 -3.73
N GLY B 54 13.72 -2.31 -2.83
CA GLY B 54 14.09 -1.20 -1.94
C GLY B 54 14.08 0.15 -2.65
N SER B 55 13.58 0.18 -3.89
CA SER B 55 13.62 1.42 -4.67
C SER B 55 12.54 2.42 -4.28
N ASN B 56 11.43 1.93 -3.75
CA ASN B 56 10.30 2.80 -3.43
C ASN B 56 9.81 2.63 -2.01
N LYS B 57 9.78 3.74 -1.27
CA LYS B 57 9.38 3.76 0.12
C LYS B 57 8.23 4.73 0.34
N PHE B 58 7.10 4.23 0.82
CA PHE B 58 5.95 5.10 1.07
C PHE B 58 5.59 5.07 2.55
N TYR B 59 5.17 6.20 3.07
CA TYR B 59 4.88 6.32 4.50
C TYR B 59 3.53 6.92 4.77
N ALA B 60 2.94 6.56 5.89
CA ALA B 60 1.71 7.18 6.36
C ALA B 60 1.97 8.64 6.71
N ASP B 61 0.96 9.48 6.52
CA ASP B 61 1.09 10.90 6.79
C ASP B 61 1.58 11.19 8.21
N SER B 62 1.17 10.37 9.16
CA SER B 62 1.48 10.60 10.57
C SER B 62 2.92 10.27 10.95
N VAL B 63 3.64 9.55 10.09
CA VAL B 63 5.02 9.17 10.41
C VAL B 63 6.01 9.70 9.39
N LYS B 64 5.50 10.23 8.28
CA LYS B 64 6.35 10.72 7.22
C LYS B 64 7.31 11.78 7.74
N GLY B 65 8.58 11.60 7.46
CA GLY B 65 9.61 12.55 7.87
C GLY B 65 10.31 12.13 9.17
N ARG B 66 9.72 11.17 9.87
CA ARG B 66 10.31 10.71 11.13
C ARG B 66 10.76 9.25 11.03
N PHE B 67 9.95 8.43 10.38
CA PHE B 67 10.25 7.00 10.29
C PHE B 67 10.88 6.68 8.95
N THR B 68 11.87 5.78 8.96
CA THR B 68 12.49 5.32 7.73
C THR B 68 12.38 3.80 7.58
N ILE B 69 11.86 3.36 6.45
CA ILE B 69 11.73 1.94 6.18
C ILE B 69 12.84 1.50 5.23
N SER B 70 13.48 0.39 5.55
CA SER B 70 14.55 -0.12 4.70
C SER B 70 14.58 -1.63 4.73
N ARG B 71 15.22 -2.24 3.76
CA ARG B 71 15.32 -3.68 3.71
C ARG B 71 16.73 -4.11 3.37
N ASP B 72 17.09 -5.30 3.79
CA ASP B 72 18.37 -5.90 3.43
C ASP B 72 18.11 -7.28 2.86
N ASN B 73 18.13 -7.38 1.54
CA ASN B 73 17.77 -8.64 0.88
C ASN B 73 18.79 -9.72 1.15
N SER B 74 20.05 -9.32 1.30
CA SER B 74 21.12 -10.27 1.54
C SER B 74 20.94 -10.98 2.88
N LYS B 75 20.43 -10.25 3.85
CA LYS B 75 20.22 -10.80 5.19
C LYS B 75 18.77 -11.22 5.43
N ASN B 76 17.95 -11.16 4.38
CA ASN B 76 16.54 -11.53 4.49
C ASN B 76 15.86 -10.84 5.67
N SER B 77 16.10 -9.53 5.82
CA SER B 77 15.54 -8.80 6.95
C SER B 77 14.99 -7.44 6.58
N LEU B 78 14.01 -7.00 7.36
CA LEU B 78 13.35 -5.72 7.20
C LEU B 78 13.62 -4.83 8.41
N TYR B 79 13.86 -3.54 8.17
CA TYR B 79 14.11 -2.61 9.28
C TYR B 79 13.17 -1.42 9.27
N LEU B 80 12.92 -0.89 10.47
CA LEU B 80 12.19 0.37 10.61
C LEU B 80 12.88 1.25 11.64
N GLN B 81 13.40 2.39 11.19
CA GLN B 81 14.08 3.30 12.09
C GLN B 81 13.14 4.42 12.49
N MET B 82 12.79 4.49 13.76
CA MET B 82 11.84 5.49 14.23
C MET B 82 12.53 6.58 15.03
N ASN B 83 12.58 7.78 14.46
CA ASN B 83 13.21 8.91 15.13
C ASN B 83 12.17 9.80 15.79
N SER B 84 12.59 10.56 16.80
CA SER B 84 11.71 11.52 17.44
C SER B 84 10.37 10.90 17.82
N LEU B 85 10.41 9.80 18.56
CA LEU B 85 9.20 9.13 19.00
C LEU B 85 8.42 9.98 19.99
N ARG B 86 7.11 9.91 19.91
CA ARG B 86 6.23 10.64 20.81
C ARG B 86 5.31 9.68 21.55
N ALA B 87 4.65 10.16 22.59
CA ALA B 87 3.75 9.31 23.37
C ALA B 87 2.68 8.70 22.47
N GLU B 88 2.27 9.44 21.46
CA GLU B 88 1.23 9.01 20.53
C GLU B 88 1.65 7.81 19.68
N ASP B 89 2.94 7.48 19.69
CA ASP B 89 3.46 6.40 18.87
C ASP B 89 3.45 5.06 19.60
N THR B 90 2.92 5.02 20.82
CA THR B 90 2.83 3.76 21.53
C THR B 90 1.91 2.81 20.81
N ALA B 91 2.43 1.64 20.45
CA ALA B 91 1.67 0.67 19.68
C ALA B 91 2.42 -0.64 19.53
N VAL B 92 1.71 -1.69 19.14
CA VAL B 92 2.37 -2.91 18.72
C VAL B 92 2.69 -2.83 17.23
N TYR B 93 3.96 -3.01 16.89
CA TYR B 93 4.40 -2.92 15.52
C TYR B 93 4.54 -4.27 14.87
N PHE B 94 3.93 -4.42 13.70
CA PHE B 94 3.94 -5.65 12.95
C PHE B 94 4.69 -5.45 11.64
N CYS B 95 5.41 -6.49 11.19
CA CYS B 95 5.90 -6.56 9.83
C CYS B 95 5.01 -7.52 9.06
N ALA B 96 4.84 -7.28 7.77
CA ALA B 96 3.97 -8.14 7.00
C ALA B 96 4.36 -8.22 5.53
N ARG B 97 4.03 -9.34 4.90
CA ARG B 97 4.35 -9.56 3.50
C ARG B 97 3.26 -9.01 2.60
N ALA B 98 3.67 -8.17 1.65
CA ALA B 98 2.77 -7.47 0.74
C ALA B 98 2.19 -8.40 -0.32
N PHE B 99 0.99 -8.07 -0.78
CA PHE B 99 0.32 -8.79 -1.86
C PHE B 99 -0.31 -7.78 -2.84
N PRO B 100 -0.08 -7.93 -4.16
CA PRO B 100 -0.57 -7.04 -5.20
C PRO B 100 -2.07 -6.75 -5.12
N ASP B 101 -2.41 -5.47 -5.24
CA ASP B 101 -3.79 -5.00 -5.24
C ASP B 101 -4.30 -4.80 -6.68
N SER B 102 -5.34 -5.55 -7.06
CA SER B 102 -5.80 -5.57 -8.44
C SER B 102 -6.44 -4.26 -8.92
N SER B 103 -6.71 -3.34 -8.00
CA SER B 103 -7.36 -2.07 -8.38
C SER B 103 -6.37 -0.92 -8.51
N SER B 104 -5.08 -1.23 -8.41
CA SER B 104 -4.05 -0.19 -8.49
C SER B 104 -2.84 -0.67 -9.26
N TRP B 105 -2.11 0.26 -9.87
CA TRP B 105 -0.95 -0.11 -10.67
C TRP B 105 0.11 -0.81 -9.85
N SER B 106 0.42 -0.26 -8.68
CA SER B 106 1.45 -0.84 -7.81
C SER B 106 1.01 -0.79 -6.36
N GLY B 107 -0.28 -0.95 -6.13
CA GLY B 107 -0.82 -0.91 -4.78
C GLY B 107 -0.67 -2.26 -4.12
N PHE B 108 -0.73 -2.28 -2.79
CA PHE B 108 -0.59 -3.52 -2.06
C PHE B 108 -1.63 -3.67 -0.97
N THR B 109 -1.97 -4.93 -0.69
CA THR B 109 -2.67 -5.31 0.52
C THR B 109 -1.72 -6.16 1.33
N ILE B 110 -2.21 -6.71 2.44
CA ILE B 110 -1.32 -7.44 3.32
C ILE B 110 -1.73 -8.90 3.44
N ASP B 111 -0.77 -9.79 3.22
CA ASP B 111 -1.02 -11.24 3.25
C ASP B 111 -0.62 -11.85 4.58
N TYR B 112 0.69 -11.94 4.83
CA TYR B 112 1.18 -12.59 6.03
C TYR B 112 1.64 -11.58 7.07
N TRP B 113 1.17 -11.76 8.30
CA TRP B 113 1.52 -10.87 9.40
C TRP B 113 2.43 -11.58 10.39
N GLY B 114 3.35 -10.83 10.99
CA GLY B 114 4.15 -11.36 12.10
C GLY B 114 3.36 -11.23 13.40
N GLN B 115 3.96 -11.63 14.52
CA GLN B 115 3.27 -11.56 15.79
C GLN B 115 3.26 -10.15 16.36
N GLY B 116 4.28 -9.38 16.02
CA GLY B 116 4.37 -7.98 16.42
C GLY B 116 5.21 -7.78 17.68
N THR B 117 5.77 -6.59 17.82
CA THR B 117 6.56 -6.23 19.00
C THR B 117 6.05 -4.92 19.60
N LEU B 118 5.95 -4.87 20.91
CA LEU B 118 5.39 -3.69 21.57
C LEU B 118 6.42 -2.60 21.77
N VAL B 119 6.05 -1.39 21.35
CA VAL B 119 6.87 -0.21 21.59
C VAL B 119 6.11 0.79 22.45
N THR B 120 6.67 1.11 23.60
CA THR B 120 6.07 2.08 24.51
C THR B 120 6.98 3.29 24.62
N VAL B 121 6.42 4.49 24.47
CA VAL B 121 7.21 5.73 24.49
C VAL B 121 6.95 6.48 25.79
N GLN C 14 3.53 11.90 -5.80
CA GLN C 14 2.98 10.71 -6.49
C GLN C 14 4.01 10.07 -7.42
N CYS C 15 5.30 10.28 -7.15
CA CYS C 15 6.39 9.79 -7.98
C CYS C 15 6.85 8.40 -7.57
N VAL C 16 7.20 7.60 -8.56
CA VAL C 16 7.70 6.25 -8.35
C VAL C 16 9.05 6.08 -9.06
N ASN C 17 10.04 5.51 -8.35
CA ASN C 17 11.36 5.24 -8.89
C ASN C 17 11.35 3.99 -9.77
N LEU C 18 11.71 4.15 -11.05
CA LEU C 18 11.73 3.02 -12.00
C LEU C 18 13.16 2.63 -12.42
N THR C 19 14.05 3.63 -12.59
CA THR C 19 15.41 3.39 -13.06
C THR C 19 16.25 2.74 -11.94
N ALA C 67 13.90 1.25 -24.39
CA ALA C 67 13.25 1.85 -23.20
C ALA C 67 13.25 0.83 -22.07
N ILE C 68 12.41 -0.19 -22.14
CA ILE C 68 12.48 -1.29 -21.14
C ILE C 68 13.49 -2.29 -21.70
N HIS C 69 14.74 -2.19 -21.26
CA HIS C 69 15.80 -3.07 -21.84
C HIS C 69 15.99 -4.31 -20.95
N LYS C 77 14.53 -7.54 -15.68
CA LYS C 77 14.10 -6.45 -16.59
C LYS C 77 14.69 -5.11 -16.12
N ARG C 78 15.31 -4.38 -17.04
CA ARG C 78 15.92 -3.06 -16.71
C ARG C 78 15.05 -1.97 -17.30
N PHE C 79 14.99 -0.81 -16.63
CA PHE C 79 14.26 0.32 -17.21
C PHE C 79 15.15 1.55 -17.29
N ASP C 80 15.23 2.13 -18.48
CA ASP C 80 16.05 3.32 -18.71
C ASP C 80 15.40 4.24 -19.73
N ASN C 81 14.88 5.38 -19.27
CA ASN C 81 14.17 6.30 -20.13
C ASN C 81 14.68 7.73 -19.94
N PRO C 82 15.86 8.03 -20.50
CA PRO C 82 16.68 9.20 -20.24
C PRO C 82 16.09 10.47 -20.84
N VAL C 83 16.49 11.60 -20.28
CA VAL C 83 16.12 12.90 -20.83
C VAL C 83 17.10 13.29 -21.92
N LEU C 84 16.59 13.68 -23.08
CA LEU C 84 17.43 14.00 -24.21
C LEU C 84 17.44 15.51 -24.46
N PRO C 85 18.50 16.08 -25.08
CA PRO C 85 18.60 17.47 -25.53
C PRO C 85 17.39 17.91 -26.37
N ILE C 100 2.12 2.00 -26.00
CA ILE C 100 3.38 1.98 -25.26
C ILE C 100 3.94 3.40 -25.04
N ILE C 101 3.60 4.34 -25.94
CA ILE C 101 3.96 5.76 -25.81
C ILE C 101 2.70 6.60 -25.76
N ARG C 102 2.60 7.45 -24.74
CA ARG C 102 1.44 8.30 -24.58
C ARG C 102 1.73 9.75 -24.86
N GLY C 103 2.95 10.18 -24.57
CA GLY C 103 3.22 11.60 -24.71
C GLY C 103 4.66 11.98 -24.43
N TRP C 104 4.89 13.27 -24.24
CA TRP C 104 6.23 13.80 -24.04
C TRP C 104 6.24 14.96 -23.06
N ILE C 105 7.39 15.17 -22.44
CA ILE C 105 7.64 16.36 -21.64
C ILE C 105 8.71 17.21 -22.29
N PHE C 106 8.43 18.50 -22.47
CA PHE C 106 9.42 19.41 -23.02
C PHE C 106 9.67 20.56 -22.06
N GLY C 107 10.92 20.98 -21.91
CA GLY C 107 11.23 22.11 -21.06
C GLY C 107 12.72 22.32 -20.90
N THR C 108 13.11 22.96 -19.81
CA THR C 108 14.51 23.25 -19.55
C THR C 108 14.99 22.52 -18.30
N THR C 109 14.67 23.06 -17.13
CA THR C 109 15.06 22.43 -15.87
C THR C 109 14.09 21.32 -15.50
N LEU C 110 12.92 21.32 -16.14
CA LEU C 110 11.89 20.30 -15.92
C LEU C 110 11.50 20.19 -14.46
N ASP C 111 11.39 21.33 -13.79
CA ASP C 111 10.98 21.38 -12.40
C ASP C 111 10.15 22.64 -12.15
N SER C 112 9.77 22.85 -10.90
CA SER C 112 8.83 23.92 -10.55
C SER C 112 9.39 25.33 -10.77
N LYS C 113 10.67 25.44 -11.10
CA LYS C 113 11.29 26.74 -11.27
C LYS C 113 11.11 27.29 -12.68
N THR C 114 10.51 26.52 -13.57
CA THR C 114 10.34 26.97 -14.95
C THR C 114 9.07 26.43 -15.59
N GLN C 115 8.56 27.13 -16.59
CA GLN C 115 7.41 26.65 -17.33
C GLN C 115 7.80 25.50 -18.23
N SER C 116 7.02 24.43 -18.20
CA SER C 116 7.28 23.27 -19.05
C SER C 116 6.03 22.85 -19.80
N LEU C 117 6.24 22.21 -20.95
CA LEU C 117 5.16 21.76 -21.81
C LEU C 117 4.90 20.26 -21.68
N LEU C 118 3.66 19.92 -21.34
CA LEU C 118 3.28 18.52 -21.16
C LEU C 118 2.24 18.09 -22.17
N ILE C 119 2.59 17.08 -22.98
CA ILE C 119 1.68 16.55 -23.99
C ILE C 119 1.34 15.10 -23.69
N VAL C 120 0.07 14.83 -23.39
CA VAL C 120 -0.34 13.45 -23.09
C VAL C 120 -1.59 13.00 -23.84
N ASN C 121 -1.51 11.85 -24.49
CA ASN C 121 -2.66 11.24 -25.16
C ASN C 121 -3.39 10.31 -24.20
N ASN C 122 -4.68 10.06 -24.49
CA ASN C 122 -5.51 9.19 -23.66
C ASN C 122 -6.59 8.54 -24.52
N VAL C 126 -6.18 14.73 -26.97
CA VAL C 126 -4.89 14.95 -26.33
C VAL C 126 -4.98 16.13 -25.35
N VAL C 127 -4.25 16.03 -24.24
CA VAL C 127 -4.17 17.09 -23.25
C VAL C 127 -2.82 17.78 -23.31
N ILE C 128 -2.83 19.07 -23.61
CA ILE C 128 -1.60 19.83 -23.70
C ILE C 128 -1.62 21.02 -22.75
N LYS C 129 -0.66 21.06 -21.84
CA LYS C 129 -0.61 22.13 -20.85
C LYS C 129 0.78 22.72 -20.72
N VAL C 130 0.84 24.00 -20.38
CA VAL C 130 2.09 24.64 -20.00
C VAL C 130 1.98 25.19 -18.59
N CYS C 131 2.75 24.64 -17.68
CA CYS C 131 2.62 24.98 -16.27
C CYS C 131 3.93 24.91 -15.54
N GLU C 132 3.91 25.37 -14.29
CA GLU C 132 5.07 25.27 -13.42
C GLU C 132 5.11 23.87 -12.82
N PHE C 133 5.37 22.89 -13.67
CA PHE C 133 5.31 21.48 -13.29
C PHE C 133 6.52 21.07 -12.48
N GLN C 134 6.30 20.20 -11.49
CA GLN C 134 7.40 19.56 -10.79
C GLN C 134 7.42 18.09 -11.16
N PHE C 135 8.20 17.76 -12.18
CA PHE C 135 8.17 16.43 -12.76
C PHE C 135 8.94 15.42 -11.93
N CYS C 136 8.53 14.16 -12.05
CA CYS C 136 9.21 13.03 -11.41
C CYS C 136 10.51 12.71 -12.13
N ASN C 137 11.43 12.02 -11.45
CA ASN C 137 12.66 11.59 -12.09
C ASN C 137 12.38 10.53 -13.14
N ASP C 138 11.34 9.74 -12.89
CA ASP C 138 10.88 8.72 -13.82
C ASP C 138 9.38 8.86 -14.07
N PRO C 139 8.96 9.85 -14.86
CA PRO C 139 7.57 10.16 -15.15
C PRO C 139 7.02 9.13 -16.12
N PHE C 140 5.80 8.67 -15.87
CA PHE C 140 5.17 7.68 -16.73
C PHE C 140 3.68 7.61 -16.48
N LEU C 141 2.99 6.88 -17.31
CA LEU C 141 1.60 6.55 -17.06
C LEU C 141 1.47 5.06 -16.78
N GLY C 142 1.13 4.72 -15.55
CA GLY C 142 1.02 3.31 -15.20
C GLY C 142 -0.25 2.76 -15.79
N VAL C 143 -0.19 1.55 -16.34
CA VAL C 143 -1.37 0.93 -16.92
C VAL C 143 -1.68 -0.42 -16.29
N TYR C 144 -2.94 -0.61 -15.93
CA TYR C 144 -3.37 -1.86 -15.33
C TYR C 144 -4.81 -2.16 -15.71
N TYR C 145 -5.20 -3.42 -15.57
CA TYR C 145 -6.58 -3.78 -15.79
C TYR C 145 -7.35 -3.70 -14.48
N HIS C 146 -8.45 -2.97 -14.47
CA HIS C 146 -9.17 -2.72 -13.24
C HIS C 146 -9.76 -4.00 -12.71
N LYS C 147 -9.23 -4.47 -11.59
CA LYS C 147 -9.66 -5.72 -10.99
C LYS C 147 -9.58 -6.86 -12.01
N ASN C 148 -8.52 -6.84 -12.82
CA ASN C 148 -8.26 -7.85 -13.83
C ASN C 148 -9.34 -7.96 -14.92
N ASN C 149 -10.08 -6.87 -15.15
CA ASN C 149 -11.06 -6.77 -16.23
C ASN C 149 -10.38 -6.30 -17.51
N LYS C 150 -10.29 -7.21 -18.50
CA LYS C 150 -9.56 -6.93 -19.74
C LYS C 150 -10.30 -5.95 -20.63
N SER C 151 -11.56 -5.69 -20.31
CA SER C 151 -12.38 -4.75 -21.07
C SER C 151 -12.45 -3.39 -20.37
N TRP C 152 -11.72 -3.25 -19.26
CA TRP C 152 -11.74 -2.02 -18.49
C TRP C 152 -10.34 -1.65 -18.02
N MET C 153 -9.64 -0.88 -18.84
CA MET C 153 -8.29 -0.46 -18.53
C MET C 153 -8.28 0.88 -17.81
N GLU C 154 -7.40 0.99 -16.83
CA GLU C 154 -7.25 2.21 -16.04
C GLU C 154 -5.78 2.58 -15.94
N SER C 155 -5.50 3.85 -15.66
CA SER C 155 -4.11 4.27 -15.57
C SER C 155 -3.85 5.26 -14.45
N GLU C 156 -2.61 5.29 -13.99
CA GLU C 156 -2.17 6.20 -12.94
C GLU C 156 -1.24 7.25 -13.50
N PHE C 157 -1.60 8.51 -13.31
CA PHE C 157 -0.87 9.61 -13.91
C PHE C 157 0.35 9.99 -13.09
N ARG C 158 1.33 9.11 -13.08
CA ARG C 158 2.56 9.29 -12.32
C ARG C 158 3.55 10.15 -13.08
N VAL C 159 3.18 11.39 -13.34
CA VAL C 159 4.01 12.26 -14.17
C VAL C 159 4.64 13.39 -13.36
N TYR C 160 3.86 14.03 -12.52
CA TYR C 160 4.34 15.17 -11.73
C TYR C 160 3.68 15.23 -10.36
N SER C 161 4.32 15.94 -9.44
CA SER C 161 3.80 16.11 -8.09
C SER C 161 2.98 17.39 -7.97
N SER C 162 3.21 18.34 -8.88
CA SER C 162 2.52 19.62 -8.86
C SER C 162 2.49 20.25 -10.25
N ALA C 163 1.59 21.23 -10.45
CA ALA C 163 1.49 21.98 -11.69
C ALA C 163 1.36 23.46 -11.39
N ILE C 235 12.66 25.49 -24.49
CA ILE C 235 12.79 24.04 -24.53
C ILE C 235 14.21 23.67 -24.96
N THR C 236 14.93 22.95 -24.09
CA THR C 236 16.28 22.46 -24.36
C THR C 236 16.36 20.96 -24.16
N ARG C 237 15.43 20.43 -23.36
CA ARG C 237 15.42 19.01 -23.01
C ARG C 237 14.02 18.42 -23.11
N PHE C 238 13.94 17.12 -23.37
CA PHE C 238 12.65 16.46 -23.39
C PHE C 238 12.76 14.98 -23.05
N GLN C 239 11.64 14.38 -22.68
CA GLN C 239 11.61 12.94 -22.46
C GLN C 239 10.25 12.34 -22.82
N THR C 240 10.24 11.05 -23.09
CA THR C 240 9.01 10.36 -23.50
C THR C 240 8.23 9.80 -22.32
N LEU C 241 6.92 9.98 -22.35
CA LEU C 241 6.03 9.40 -21.36
C LEU C 241 5.46 8.08 -21.86
N LEU C 242 5.82 7.02 -21.17
CA LEU C 242 5.48 5.67 -21.59
C LEU C 242 4.28 5.12 -20.84
N ALA C 243 3.58 4.21 -21.50
CA ALA C 243 2.49 3.46 -20.88
C ALA C 243 3.04 2.14 -20.35
N LEU C 244 3.18 2.03 -19.05
CA LEU C 244 3.86 0.87 -18.49
C LEU C 244 2.95 -0.05 -17.69
N HIS C 245 2.82 -1.27 -18.15
CA HIS C 245 2.13 -2.29 -17.39
C HIS C 245 3.05 -2.73 -16.28
N ARG C 246 2.50 -3.09 -15.13
CA ARG C 246 3.35 -3.47 -14.02
C ARG C 246 4.22 -4.66 -14.42
N SER C 247 3.64 -5.55 -15.22
CA SER C 247 4.31 -6.78 -15.66
C SER C 247 5.50 -6.50 -16.58
N TYR C 248 5.61 -5.28 -17.08
CA TYR C 248 6.71 -4.92 -17.96
C TYR C 248 7.96 -4.61 -17.15
N LEU C 249 7.78 -4.40 -15.86
CA LEU C 249 8.88 -4.00 -15.01
C LEU C 249 9.29 -5.11 -14.05
N THR C 250 8.33 -5.95 -13.66
CA THR C 250 8.63 -7.03 -12.72
C THR C 250 9.40 -8.14 -13.44
N PRO C 251 10.13 -8.97 -12.70
CA PRO C 251 10.78 -10.20 -13.14
C PRO C 251 9.76 -11.15 -13.75
C1 NAG D . 12.91 7.88 -5.23
C2 NAG D . 12.27 7.96 -3.82
C3 NAG D . 12.70 9.27 -3.15
C4 NAG D . 14.24 9.28 -3.05
C5 NAG D . 14.83 9.14 -4.47
C6 NAG D . 16.34 9.07 -4.43
C7 NAG D . 10.12 6.99 -3.37
C8 NAG D . 8.62 6.94 -3.50
N2 NAG D . 10.81 7.94 -3.97
O3 NAG D . 12.12 9.37 -1.85
O4 NAG D . 14.66 10.52 -2.47
O5 NAG D . 14.35 7.91 -5.09
O6 NAG D . 16.79 8.05 -3.56
O7 NAG D . 10.69 6.14 -2.69
C1 NAG D . 15.51 10.35 -1.25
C2 NAG D . 16.32 11.66 -1.03
C3 NAG D . 17.22 11.46 0.21
C4 NAG D . 16.33 11.11 1.42
C5 NAG D . 15.54 9.82 1.11
C6 NAG D . 14.61 9.46 2.25
C7 NAG D . 16.83 12.90 -3.06
C8 NAG D . 17.71 13.16 -4.25
N2 NAG D . 17.17 11.94 -2.19
O3 NAG D . 17.96 12.66 0.47
O4 NAG D . 17.17 10.90 2.57
O5 NAG D . 14.73 10.02 -0.09
O6 NAG D . 14.16 8.11 2.17
O7 NAG D . 15.80 13.56 -2.89
C1 FUC D . 18.03 7.41 -4.07
C2 FUC D . 18.75 6.66 -2.91
C3 FUC D . 17.83 5.52 -2.44
C4 FUC D . 17.54 4.58 -3.65
C5 FUC D . 16.87 5.41 -4.76
C6 FUC D . 16.55 4.58 -5.98
O2 FUC D . 18.98 7.56 -1.83
O3 FUC D . 18.45 4.78 -1.38
O4 FUC D . 18.74 3.99 -4.12
O5 FUC D . 17.74 6.51 -5.16
C1 NAG E . -15.67 -5.19 -17.33
C2 NAG E . -16.94 -5.66 -16.53
C3 NAG E . -18.17 -5.55 -17.45
C4 NAG E . -18.32 -4.09 -17.93
C5 NAG E . -17.03 -3.68 -18.68
C6 NAG E . -17.07 -2.24 -19.17
C7 NAG E . -16.34 -7.38 -14.93
C8 NAG E . -16.16 -8.81 -14.54
N2 NAG E . -16.77 -7.06 -16.14
O3 NAG E . -19.35 -5.95 -16.74
O4 NAG E . -19.44 -3.99 -18.80
O5 NAG E . -15.87 -3.84 -17.79
O6 NAG E . -17.50 -1.33 -18.15
O7 NAG E . -16.10 -6.49 -14.10
C1 FUC E . -17.76 0.04 -18.70
C2 FUC E . -18.20 1.00 -17.56
C3 FUC E . -17.02 1.18 -16.58
C4 FUC E . -15.81 1.74 -17.37
C5 FUC E . -15.45 0.74 -18.50
C6 FUC E . -14.29 1.24 -19.35
O2 FUC E . -19.33 0.46 -16.88
O3 FUC E . -17.39 2.08 -15.54
O4 FUC E . -16.12 3.03 -17.91
O5 FUC E . -16.60 0.55 -19.38
#